data_6O0W
#
_entry.id   6O0W
#
_cell.length_a   69.085
_cell.length_b   79.399
_cell.length_c   34.266
_cell.angle_alpha   90.00
_cell.angle_beta   107.42
_cell.angle_gamma   90.00
#
_symmetry.space_group_name_H-M   'C 1 2 1'
#
loop_
_entity.id
_entity.type
_entity.pdbx_description
1 polymer 'TIR-NB-LRR type resistance protein RUN1'
2 non-polymer "ADENOSINE-2'-5'-DIPHOSPHATE"
3 non-polymer 2-[BIS-(2-HYDROXY-ETHYL)-AMINO]-2-HYDROXYMETHYL-PROPANE-1,3-DIOL
4 water water
#
_entity_poly.entity_id   1
_entity_poly.type   'polypeptide(L)'
_entity_poly.pdbx_seq_one_letter_code
;SNARTITYDVFLSFRGEDTRFNFTDHLYSALGRRGIRTFRDDKLRRGEAIAPELLKAIEESRSSVIVFSENYARSRWCLD
ELVKIMECHKDKKDPGHAVFPIFYHVDPSHVRKQEGSFGEAFAGYGENLKDKIPRWRTALTEAANLSGWPLQDGYESNQI
KEITDSIFRRLKCKRLDAG
;
_entity_poly.pdbx_strand_id   A
#
# COMPACT_ATOMS: atom_id res chain seq x y z
N ARG A 4 -13.82 11.55 14.54
CA ARG A 4 -13.45 11.06 13.21
C ARG A 4 -13.97 9.64 12.97
N THR A 5 -14.69 9.46 11.86
CA THR A 5 -15.27 8.16 11.55
C THR A 5 -14.19 7.16 11.18
N ILE A 6 -14.29 5.95 11.76
CA ILE A 6 -13.35 4.88 11.50
C ILE A 6 -14.16 3.63 11.14
N THR A 7 -14.10 3.23 9.87
CA THR A 7 -14.77 2.03 9.38
C THR A 7 -13.85 0.82 9.36
N TYR A 8 -12.57 1.04 9.05
CA TYR A 8 -11.62 -0.05 8.88
C TYR A 8 -10.41 0.17 9.77
N ASP A 9 -9.83 -0.95 10.22
CA ASP A 9 -8.55 -0.88 10.91
C ASP A 9 -7.40 -0.72 9.91
N VAL A 10 -7.51 -1.36 8.74
CA VAL A 10 -6.47 -1.39 7.72
C VAL A 10 -7.08 -1.20 6.35
N PHE A 11 -6.50 -0.30 5.54
CA PHE A 11 -6.73 -0.24 4.11
C PHE A 11 -5.55 -0.92 3.41
N LEU A 12 -5.83 -1.91 2.56
CA LEU A 12 -4.78 -2.66 1.87
C LEU A 12 -4.53 -2.05 0.49
N SER A 13 -3.35 -1.44 0.31
CA SER A 13 -2.90 -0.96 -1.00
C SER A 13 -1.97 -2.00 -1.64
N PHE A 14 -2.18 -2.31 -2.91
CA PHE A 14 -1.43 -3.36 -3.58
C PHE A 14 -1.59 -3.21 -5.08
N ARG A 15 -0.72 -3.89 -5.83
CA ARG A 15 -0.81 -3.96 -7.29
C ARG A 15 -1.41 -5.31 -7.65
N GLY A 16 -2.65 -5.29 -8.16
CA GLY A 16 -3.36 -6.56 -8.34
C GLY A 16 -2.65 -7.52 -9.26
N GLU A 17 -2.10 -7.02 -10.37
CA GLU A 17 -1.47 -7.90 -11.35
C GLU A 17 -0.30 -8.67 -10.74
N ASP A 18 0.31 -8.12 -9.70
CA ASP A 18 1.38 -8.82 -8.98
C ASP A 18 0.86 -9.77 -7.91
N THR A 19 -0.06 -9.30 -7.04
CA THR A 19 -0.29 -10.00 -5.78
C THR A 19 -1.76 -10.27 -5.45
N ARG A 20 -2.71 -9.97 -6.35
CA ARG A 20 -4.12 -10.07 -6.01
C ARG A 20 -4.54 -11.47 -5.59
N PHE A 21 -4.09 -12.49 -6.33
CA PHE A 21 -4.58 -13.84 -6.11
C PHE A 21 -3.78 -14.60 -5.06
N ASN A 22 -2.58 -14.13 -4.72
N ASN A 22 -2.56 -14.12 -4.75
CA ASN A 22 -1.69 -14.91 -3.87
CA ASN A 22 -1.61 -14.88 -3.97
C ASN A 22 -1.38 -14.11 -2.62
C ASN A 22 -1.36 -14.14 -2.67
N PHE A 23 -0.23 -13.43 -2.54
CA PHE A 23 0.18 -12.88 -1.25
C PHE A 23 -0.88 -11.96 -0.63
N THR A 24 -1.45 -11.04 -1.43
CA THR A 24 -2.39 -10.11 -0.81
C THR A 24 -3.66 -10.81 -0.35
N ASP A 25 -4.08 -11.88 -1.05
CA ASP A 25 -5.25 -12.62 -0.57
C ASP A 25 -4.95 -13.33 0.74
N HIS A 26 -3.78 -13.95 0.85
CA HIS A 26 -3.45 -14.62 2.10
C HIS A 26 -3.28 -13.61 3.22
N LEU A 27 -2.74 -12.44 2.92
CA LEU A 27 -2.58 -11.41 3.95
C LEU A 27 -3.94 -10.90 4.42
N TYR A 28 -4.84 -10.62 3.48
CA TYR A 28 -6.19 -10.19 3.81
C TYR A 28 -6.88 -11.20 4.73
N SER A 29 -6.81 -12.49 4.39
CA SER A 29 -7.53 -13.42 5.24
C SER A 29 -6.86 -13.55 6.61
N ALA A 30 -5.53 -13.41 6.68
CA ALA A 30 -4.85 -13.48 7.97
C ALA A 30 -5.24 -12.29 8.85
N LEU A 31 -5.37 -11.11 8.26
CA LEU A 31 -5.80 -9.96 9.05
C LEU A 31 -7.20 -10.19 9.61
N GLY A 32 -8.13 -10.65 8.76
CA GLY A 32 -9.47 -10.98 9.23
C GLY A 32 -9.48 -11.99 10.36
N ARG A 33 -8.61 -13.01 10.29
CA ARG A 33 -8.58 -14.01 11.35
C ARG A 33 -8.17 -13.42 12.69
N ARG A 34 -7.53 -12.25 12.70
CA ARG A 34 -7.17 -11.57 13.94
C ARG A 34 -8.20 -10.51 14.32
N GLY A 35 -9.33 -10.43 13.62
CA GLY A 35 -10.32 -9.41 13.91
C GLY A 35 -9.93 -8.02 13.48
N ILE A 36 -8.99 -7.91 12.54
CA ILE A 36 -8.55 -6.62 12.02
C ILE A 36 -9.42 -6.31 10.81
N ARG A 37 -10.34 -5.34 10.98
CA ARG A 37 -11.25 -4.99 9.89
C ARG A 37 -10.47 -4.36 8.75
N THR A 38 -10.51 -4.99 7.58
CA THR A 38 -9.63 -4.64 6.48
C THR A 38 -10.45 -4.36 5.23
N PHE A 39 -10.09 -3.30 4.52
CA PHE A 39 -10.65 -3.01 3.21
C PHE A 39 -9.67 -3.51 2.15
N ARG A 40 -10.14 -4.40 1.28
CA ARG A 40 -9.30 -4.92 0.20
C ARG A 40 -10.17 -4.92 -1.04
N ASP A 41 -9.85 -4.06 -2.01
CA ASP A 41 -10.73 -3.92 -3.14
C ASP A 41 -10.68 -5.18 -4.02
N ASP A 42 -11.85 -5.67 -4.41
CA ASP A 42 -11.93 -6.77 -5.35
C ASP A 42 -12.85 -6.46 -6.52
N LYS A 43 -13.27 -5.20 -6.67
CA LYS A 43 -14.06 -4.77 -7.83
C LYS A 43 -13.15 -4.49 -9.01
N LEU A 44 -13.68 -4.66 -10.21
CA LEU A 44 -12.94 -4.32 -11.42
C LEU A 44 -13.03 -2.83 -11.64
N ARG A 45 -11.90 -2.13 -11.63
CA ARG A 45 -11.86 -0.68 -11.72
C ARG A 45 -11.44 -0.26 -13.11
N ARG A 46 -12.30 0.49 -13.81
CA ARG A 46 -11.93 1.01 -15.13
C ARG A 46 -12.24 2.50 -15.29
N GLY A 47 -12.48 3.23 -14.20
CA GLY A 47 -12.64 4.67 -14.32
C GLY A 47 -11.32 5.41 -14.54
N GLU A 48 -11.40 6.59 -15.15
CA GLU A 48 -10.21 7.43 -15.34
C GLU A 48 -9.48 7.66 -14.03
N ALA A 49 -10.22 8.04 -12.99
CA ALA A 49 -9.65 8.41 -11.70
C ALA A 49 -9.80 7.29 -10.68
N ILE A 50 -9.18 7.50 -9.52
CA ILE A 50 -9.40 6.61 -8.36
C ILE A 50 -10.86 6.65 -7.95
N ALA A 51 -11.41 5.46 -7.66
CA ALA A 51 -12.82 5.37 -7.33
C ALA A 51 -13.10 6.11 -6.02
N PRO A 52 -14.19 6.88 -5.95
CA PRO A 52 -14.54 7.54 -4.67
C PRO A 52 -14.71 6.57 -3.51
N GLU A 53 -15.10 5.33 -3.79
CA GLU A 53 -15.19 4.33 -2.72
C GLU A 53 -13.83 4.10 -2.07
N LEU A 54 -12.76 4.09 -2.88
CA LEU A 54 -11.43 3.85 -2.35
C LEU A 54 -10.94 5.05 -1.54
N LEU A 55 -11.10 6.26 -2.08
CA LEU A 55 -10.69 7.45 -1.34
C LEU A 55 -11.40 7.51 0.01
N LYS A 56 -12.69 7.17 0.02
CA LYS A 56 -13.46 7.18 1.26
C LYS A 56 -12.96 6.11 2.24
N ALA A 57 -12.64 4.92 1.74
CA ALA A 57 -12.14 3.87 2.62
C ALA A 57 -10.83 4.29 3.27
N ILE A 58 -9.95 4.96 2.51
CA ILE A 58 -8.69 5.42 3.09
C ILE A 58 -8.96 6.42 4.20
N GLU A 59 -9.83 7.41 3.94
CA GLU A 59 -10.15 8.41 4.93
C GLU A 59 -10.78 7.82 6.18
N GLU A 60 -11.38 6.63 6.10
CA GLU A 60 -12.05 6.04 7.25
C GLU A 60 -11.29 4.84 7.81
N SER A 61 -9.99 4.74 7.52
CA SER A 61 -9.15 3.65 7.99
C SER A 61 -8.22 4.14 9.08
N ARG A 62 -7.96 3.29 10.06
CA ARG A 62 -6.99 3.61 11.11
C ARG A 62 -5.56 3.55 10.57
N SER A 63 -5.33 2.74 9.54
CA SER A 63 -3.99 2.54 8.99
C SER A 63 -4.11 2.05 7.56
N SER A 64 -2.98 2.09 6.84
CA SER A 64 -2.84 1.46 5.54
C SER A 64 -1.65 0.51 5.58
N VAL A 65 -1.81 -0.64 4.93
CA VAL A 65 -0.72 -1.57 4.65
C VAL A 65 -0.45 -1.48 3.16
N ILE A 66 0.81 -1.22 2.79
CA ILE A 66 1.17 -1.11 1.37
C ILE A 66 1.98 -2.34 0.97
N VAL A 67 1.48 -3.08 -0.01
CA VAL A 67 2.22 -4.23 -0.57
C VAL A 67 2.97 -3.71 -1.79
N PHE A 68 4.17 -3.18 -1.56
CA PHE A 68 5.04 -2.83 -2.66
C PHE A 68 5.51 -4.09 -3.37
N SER A 69 5.29 -4.16 -4.68
CA SER A 69 5.73 -5.28 -5.49
C SER A 69 6.39 -4.71 -6.74
N GLU A 70 6.92 -5.60 -7.58
CA GLU A 70 7.80 -5.16 -8.66
C GLU A 70 7.12 -4.16 -9.60
N ASN A 71 5.82 -4.31 -9.84
CA ASN A 71 5.14 -3.44 -10.79
C ASN A 71 4.19 -2.44 -10.13
N TYR A 72 4.35 -2.20 -8.81
CA TYR A 72 3.44 -1.27 -8.14
C TYR A 72 3.50 0.13 -8.77
N ALA A 73 4.70 0.63 -9.06
CA ALA A 73 4.81 1.99 -9.59
C ALA A 73 4.47 2.07 -11.07
N ARG A 74 4.19 0.96 -11.74
CA ARG A 74 3.73 1.02 -13.12
C ARG A 74 2.24 1.29 -13.23
N SER A 75 1.52 1.40 -12.12
CA SER A 75 0.11 1.75 -12.12
C SER A 75 -0.06 3.16 -11.56
N ARG A 76 -0.56 4.07 -12.39
CA ARG A 76 -0.81 5.41 -11.90
C ARG A 76 -1.88 5.43 -10.82
N TRP A 77 -2.78 4.43 -10.81
CA TRP A 77 -3.80 4.38 -9.77
C TRP A 77 -3.21 3.94 -8.43
N CYS A 78 -2.28 2.99 -8.42
CA CYS A 78 -1.57 2.65 -7.19
C CYS A 78 -0.80 3.87 -6.66
N LEU A 79 -0.17 4.62 -7.55
CA LEU A 79 0.60 5.77 -7.08
C LEU A 79 -0.31 6.87 -6.55
N ASP A 80 -1.46 7.10 -7.20
CA ASP A 80 -2.41 8.08 -6.65
C ASP A 80 -2.98 7.61 -5.30
N GLU A 81 -3.25 6.32 -5.19
CA GLU A 81 -3.64 5.73 -3.90
C GLU A 81 -2.60 6.03 -2.83
N LEU A 82 -1.32 5.81 -3.16
CA LEU A 82 -0.26 6.05 -2.18
C LEU A 82 -0.17 7.51 -1.76
N VAL A 83 -0.36 8.45 -2.71
CA VAL A 83 -0.29 9.87 -2.35
C VAL A 83 -1.39 10.22 -1.36
N LYS A 84 -2.59 9.67 -1.57
CA LYS A 84 -3.69 9.90 -0.65
C LYS A 84 -3.39 9.33 0.73
N ILE A 85 -2.84 8.12 0.75
CA ILE A 85 -2.48 7.48 2.02
C ILE A 85 -1.47 8.33 2.77
N MET A 86 -0.42 8.78 2.08
CA MET A 86 0.62 9.55 2.76
C MET A 86 0.12 10.93 3.16
N GLU A 87 -0.88 11.47 2.45
CA GLU A 87 -1.55 12.70 2.86
C GLU A 87 -2.27 12.50 4.19
N CYS A 88 -3.05 11.42 4.30
CA CYS A 88 -3.73 11.12 5.56
C CYS A 88 -2.73 10.87 6.67
N HIS A 89 -1.62 10.20 6.34
CA HIS A 89 -0.59 9.95 7.35
C HIS A 89 -0.06 11.24 7.93
N LYS A 90 -0.07 12.31 7.15
CA LYS A 90 0.43 13.59 7.62
C LYS A 90 -0.62 14.42 8.33
N ASP A 91 -1.88 14.33 7.91
CA ASP A 91 -2.90 15.28 8.35
C ASP A 91 -3.86 14.70 9.39
N LYS A 92 -4.33 13.47 9.20
CA LYS A 92 -5.37 12.92 10.05
C LYS A 92 -4.94 12.87 11.51
N LYS A 93 -5.91 13.06 12.40
CA LYS A 93 -5.64 13.02 13.83
C LYS A 93 -6.88 12.53 14.56
N ASP A 94 -6.65 11.98 15.75
CA ASP A 94 -7.66 11.44 16.66
C ASP A 94 -8.60 10.47 15.95
N PRO A 95 -8.11 9.30 15.50
CA PRO A 95 -6.72 8.85 15.57
C PRO A 95 -5.92 9.27 14.33
N GLY A 96 -4.60 9.09 14.38
CA GLY A 96 -3.78 9.24 13.20
C GLY A 96 -4.06 8.13 12.20
N HIS A 97 -3.35 8.21 11.08
CA HIS A 97 -3.41 7.18 10.04
C HIS A 97 -2.02 6.56 9.97
N ALA A 98 -1.83 5.39 10.57
CA ALA A 98 -0.52 4.74 10.49
C ALA A 98 -0.32 4.11 9.11
N VAL A 99 0.95 3.95 8.72
CA VAL A 99 1.29 3.34 7.44
C VAL A 99 2.31 2.22 7.68
N PHE A 100 2.03 1.03 7.16
CA PHE A 100 2.89 -0.15 7.31
C PHE A 100 3.32 -0.67 5.94
N PRO A 101 4.54 -0.41 5.48
CA PRO A 101 4.94 -0.91 4.16
C PRO A 101 5.49 -2.32 4.18
N ILE A 102 5.06 -3.12 3.21
CA ILE A 102 5.61 -4.45 2.96
C ILE A 102 6.37 -4.41 1.65
N PHE A 103 7.64 -4.81 1.66
CA PHE A 103 8.43 -4.80 0.45
C PHE A 103 8.45 -6.23 -0.09
N TYR A 104 7.48 -6.55 -0.96
CA TYR A 104 7.25 -7.93 -1.39
C TYR A 104 8.19 -8.27 -2.53
N HIS A 105 9.32 -8.89 -2.19
CA HIS A 105 10.30 -9.33 -3.17
C HIS A 105 10.82 -8.14 -3.97
N VAL A 106 10.97 -7.00 -3.29
CA VAL A 106 11.58 -5.80 -3.85
C VAL A 106 12.48 -5.17 -2.80
N ASP A 107 13.58 -4.56 -3.25
CA ASP A 107 14.50 -3.90 -2.32
C ASP A 107 13.89 -2.59 -1.83
N PRO A 108 13.84 -2.37 -0.51
CA PRO A 108 13.29 -1.10 -0.01
C PRO A 108 14.01 0.13 -0.57
N SER A 109 15.34 0.05 -0.76
CA SER A 109 16.04 1.18 -1.33
C SER A 109 15.61 1.44 -2.78
N HIS A 110 15.19 0.40 -3.51
CA HIS A 110 14.65 0.63 -4.84
C HIS A 110 13.36 1.43 -4.79
N VAL A 111 12.54 1.21 -3.77
CA VAL A 111 11.34 2.03 -3.61
C VAL A 111 11.73 3.43 -3.19
N ARG A 112 12.66 3.52 -2.23
CA ARG A 112 13.08 4.79 -1.65
C ARG A 112 13.73 5.70 -2.69
N LYS A 113 14.52 5.13 -3.59
CA LYS A 113 15.29 5.89 -4.57
C LYS A 113 14.71 5.84 -5.97
N GLN A 114 13.63 5.10 -6.18
CA GLN A 114 13.07 4.81 -7.50
C GLN A 114 14.16 4.31 -8.45
N GLU A 115 14.79 3.21 -8.05
CA GLU A 115 15.75 2.47 -8.86
C GLU A 115 15.17 1.12 -9.26
N GLY A 116 15.88 0.42 -10.13
CA GLY A 116 15.36 -0.88 -10.58
C GLY A 116 14.04 -0.72 -11.30
N SER A 117 13.10 -1.64 -11.01
CA SER A 117 11.79 -1.60 -11.64
C SER A 117 10.97 -0.39 -11.21
N PHE A 118 11.31 0.24 -10.08
CA PHE A 118 10.58 1.43 -9.67
C PHE A 118 11.05 2.66 -10.44
N GLY A 119 12.29 2.65 -10.91
CA GLY A 119 12.77 3.71 -11.76
C GLY A 119 12.29 3.48 -13.17
N GLU A 120 12.32 2.22 -13.62
CA GLU A 120 11.85 1.88 -14.95
C GLU A 120 10.41 2.35 -15.15
N ALA A 121 9.59 2.24 -14.11
CA ALA A 121 8.17 2.53 -14.22
C ALA A 121 7.91 3.94 -14.75
N PHE A 122 8.72 4.90 -14.32
CA PHE A 122 8.39 6.29 -14.65
C PHE A 122 8.57 6.58 -16.14
N ALA A 123 9.36 5.78 -16.85
CA ALA A 123 9.51 5.98 -18.29
C ALA A 123 8.22 5.77 -19.07
N GLY A 124 7.25 5.04 -18.52
CA GLY A 124 5.98 4.81 -19.19
C GLY A 124 4.91 5.85 -18.92
N TYR A 125 5.28 7.00 -18.38
CA TYR A 125 4.33 8.06 -18.06
C TYR A 125 4.58 9.25 -18.98
N GLY A 126 3.53 9.69 -19.65
CA GLY A 126 3.64 10.77 -20.62
C GLY A 126 3.47 12.13 -19.97
N GLU A 127 3.47 13.15 -20.84
CA GLU A 127 3.48 14.54 -20.38
C GLU A 127 2.19 14.93 -19.66
N ASN A 128 1.10 14.20 -19.87
CA ASN A 128 -0.13 14.52 -19.16
C ASN A 128 -0.05 14.21 -17.68
N LEU A 129 0.95 13.44 -17.26
CA LEU A 129 1.17 13.08 -15.87
C LEU A 129 2.36 13.84 -15.27
N LYS A 130 2.94 14.78 -16.03
CA LYS A 130 4.13 15.50 -15.60
C LYS A 130 3.99 16.09 -14.19
N ASP A 131 2.84 16.68 -13.91
CA ASP A 131 2.67 17.32 -12.61
C ASP A 131 2.49 16.34 -11.46
N LYS A 132 2.09 15.08 -11.73
CA LYS A 132 1.97 14.13 -10.63
C LYS A 132 3.28 13.45 -10.26
N ILE A 133 4.23 13.39 -11.20
CA ILE A 133 5.44 12.59 -10.98
C ILE A 133 6.21 13.03 -9.74
N PRO A 134 6.43 14.33 -9.48
CA PRO A 134 7.10 14.71 -8.22
C PRO A 134 6.36 14.28 -6.95
N ARG A 135 5.03 14.37 -6.93
CA ARG A 135 4.29 13.92 -5.75
C ARG A 135 4.39 12.41 -5.57
N TRP A 136 4.40 11.67 -6.69
CA TRP A 136 4.53 10.22 -6.63
C TRP A 136 5.87 9.81 -6.03
N ARG A 137 6.95 10.43 -6.51
CA ARG A 137 8.27 10.14 -5.97
C ARG A 137 8.37 10.47 -4.49
N THR A 138 7.84 11.62 -4.09
CA THR A 138 7.84 12.01 -2.68
C THR A 138 7.12 10.98 -1.83
N ALA A 139 5.96 10.50 -2.30
CA ALA A 139 5.19 9.55 -1.50
C ALA A 139 5.92 8.22 -1.39
N LEU A 140 6.55 7.76 -2.47
CA LEU A 140 7.31 6.51 -2.41
C LEU A 140 8.47 6.64 -1.43
N THR A 141 9.21 7.74 -1.49
CA THR A 141 10.32 7.91 -0.56
C THR A 141 9.83 7.95 0.88
N GLU A 142 8.77 8.73 1.16
CA GLU A 142 8.27 8.80 2.52
C GLU A 142 7.81 7.44 3.01
N ALA A 143 7.09 6.70 2.17
CA ALA A 143 6.61 5.38 2.55
C ALA A 143 7.75 4.41 2.80
N ALA A 144 8.77 4.42 1.95
CA ALA A 144 9.86 3.45 2.09
C ALA A 144 10.71 3.70 3.33
N ASN A 145 10.65 4.91 3.89
CA ASN A 145 11.42 5.20 5.08
C ASN A 145 10.73 4.75 6.37
N LEU A 146 9.45 4.41 6.29
CA LEU A 146 8.72 3.94 7.46
C LEU A 146 9.09 2.49 7.77
N SER A 147 8.99 2.13 9.04
CA SER A 147 9.41 0.79 9.43
C SER A 147 8.38 -0.22 8.95
N GLY A 148 8.86 -1.22 8.24
CA GLY A 148 7.98 -2.23 7.67
C GLY A 148 8.68 -3.57 7.62
N TRP A 149 8.33 -4.36 6.62
CA TRP A 149 8.86 -5.72 6.51
C TRP A 149 9.37 -5.99 5.10
N PRO A 150 10.67 -6.15 4.91
CA PRO A 150 11.16 -6.68 3.64
C PRO A 150 10.90 -8.17 3.62
N LEU A 151 10.23 -8.63 2.58
CA LEU A 151 10.00 -10.04 2.37
C LEU A 151 10.85 -10.49 1.19
N GLN A 152 11.56 -11.59 1.39
CA GLN A 152 12.25 -12.27 0.31
C GLN A 152 11.79 -13.73 0.33
N ASP A 153 12.51 -14.57 -0.39
CA ASP A 153 12.09 -15.97 -0.49
C ASP A 153 12.22 -16.66 0.85
N GLY A 154 11.15 -17.31 1.27
CA GLY A 154 11.11 -18.02 2.53
C GLY A 154 9.67 -18.43 2.79
N TYR A 155 9.49 -19.19 3.87
CA TYR A 155 8.15 -19.67 4.20
C TYR A 155 7.17 -18.52 4.39
N GLU A 156 6.23 -18.37 3.47
CA GLU A 156 5.39 -17.19 3.40
C GLU A 156 4.27 -17.20 4.43
N SER A 157 3.81 -18.38 4.88
CA SER A 157 2.77 -18.35 5.90
C SER A 157 3.31 -17.79 7.21
N ASN A 158 4.56 -18.13 7.57
CA ASN A 158 5.16 -17.54 8.76
C ASN A 158 5.45 -16.06 8.56
N GLN A 159 5.82 -15.64 7.34
CA GLN A 159 6.00 -14.21 7.09
C GLN A 159 4.72 -13.45 7.36
N ILE A 160 3.61 -13.96 6.83
CA ILE A 160 2.34 -13.27 7.02
C ILE A 160 1.91 -13.31 8.49
N LYS A 161 2.20 -14.42 9.18
CA LYS A 161 1.86 -14.50 10.60
C LYS A 161 2.57 -13.42 11.40
N GLU A 162 3.86 -13.18 11.11
CA GLU A 162 4.60 -12.19 11.89
C GLU A 162 4.13 -10.77 11.58
N ILE A 163 3.84 -10.49 10.29
CA ILE A 163 3.33 -9.18 9.90
C ILE A 163 2.00 -8.89 10.57
N THR A 164 1.07 -9.86 10.53
CA THR A 164 -0.26 -9.61 11.08
C THR A 164 -0.22 -9.53 12.60
N ASP A 165 0.65 -10.33 13.23
CA ASP A 165 0.85 -10.20 14.67
C ASP A 165 1.41 -8.82 15.01
N SER A 166 2.29 -8.29 14.16
CA SER A 166 2.90 -7.00 14.44
C SER A 166 1.90 -5.86 14.25
N ILE A 167 1.11 -5.91 13.18
CA ILE A 167 0.06 -4.91 12.97
C ILE A 167 -0.91 -4.90 14.14
N PHE A 168 -1.30 -6.08 14.62
CA PHE A 168 -2.20 -6.18 15.77
C PHE A 168 -1.65 -5.44 16.98
N ARG A 169 -0.37 -5.67 17.30
CA ARG A 169 0.21 -5.02 18.47
C ARG A 169 0.40 -3.53 18.26
N ARG A 170 0.65 -3.10 17.01
CA ARG A 170 0.88 -1.67 16.79
C ARG A 170 -0.43 -0.89 16.79
N LEU A 171 -1.55 -1.51 16.37
CA LEU A 171 -2.82 -0.81 16.43
C LEU A 171 -3.40 -0.73 17.83
N LYS A 172 -2.93 -1.56 18.75
CA LYS A 172 -3.40 -1.51 20.14
C LYS A 172 -2.33 -0.95 21.06
#